data_7RDF
#
_entry.id   7RDF
#
_cell.length_a   60.010
_cell.length_b   76.330
_cell.length_c   76.760
_cell.angle_alpha   90.000
_cell.angle_beta   90.000
_cell.angle_gamma   90.000
#
_symmetry.space_group_name_H-M   'P 21 21 21'
#
loop_
_entity.id
_entity.type
_entity.pdbx_description
1 polymer 'FAD-dependent catabolic D-arginine dehydrogenase DauA'
2 non-polymer '[[(2~{R},3~{S},4~{R},5~{R})-5-(6-aminopurin-9-yl)-3,4-bis(oxidanyl)oxolan-2-yl]methoxy-oxidanyl-phosphoryl] [(2~{R},3~{S},4~{S})-5-[5-[(~{E})-4-carbamimidamidobut-2-enoyl]-7,8-dimethyl-2,4-bis(oxidanylidene)-1~{H}-benzo[g]pteridin-10-yl]-2,3,4-tris(oxidanyl)pentyl] hydrogen phosphate'
3 non-polymer '6-HYDROXY-FLAVIN-ADENINE DINUCLEOTIDE'
4 non-polymer GLYCEROL
5 non-polymer DI(HYDROXYETHYL)ETHER
6 water water
#
_entity_poly.entity_id   1
_entity_poly.type   'polypeptide(L)'
_entity_poly.pdbx_seq_one_letter_code
;MIEADYLVIGAGIAGASTGYWLSAHGRVVVLEREAQPGYHSTGRSAAHYTVAYGTPQVRALTAASRAFFDNPPAGFCEHP
LLSPRPEMVVDFSDDPEELRRQYESGKALVPQMRLLDAEQACSIVPVLRRDKVFGATYDPTGADIDTDALHQGYLRGIRR
NQGQVLCNHEALEIRRVDGAWEVRCDAGSYRAAVLVNAAGAWCDAIAGLAGVRPLGLQPKRRSAFIFAPPPGIDCHDWPM
LVSLDESFFLKPDAGMLLGSPANADPVEAHDVQPEQLDIATGMYLIEEATTLTIRRPEHTWAGLRSFVADGDLVAGYAAN
AEGFFWVAAQGGYGIQTSAAMGEASAALIRHQPLPAHLREHGLDEAMLSPRRLSP
;
_entity_poly.pdbx_strand_id   A
#
# COMPACT_ATOMS: atom_id res chain seq x y z
N MET A 1 10.20 -27.75 -16.53
N MET A 1 8.85 -27.67 -16.72
CA MET A 1 10.24 -26.62 -15.60
CA MET A 1 9.71 -26.76 -15.98
C MET A 1 10.53 -25.32 -16.37
C MET A 1 9.99 -25.51 -16.80
N ILE A 2 9.62 -24.35 -16.26
CA ILE A 2 9.77 -23.06 -16.92
C ILE A 2 10.89 -22.30 -16.22
N GLU A 3 11.81 -21.74 -17.01
N GLU A 3 11.82 -21.78 -17.02
CA GLU A 3 12.96 -21.01 -16.46
CA GLU A 3 12.92 -20.98 -16.50
C GLU A 3 12.75 -19.51 -16.63
C GLU A 3 12.57 -19.50 -16.57
N ALA A 4 13.03 -18.75 -15.57
CA ALA A 4 12.96 -17.30 -15.59
C ALA A 4 14.22 -16.75 -14.95
N ASP A 5 14.44 -15.44 -15.13
CA ASP A 5 15.52 -14.78 -14.41
C ASP A 5 15.03 -14.40 -13.01
N TYR A 6 13.76 -14.01 -12.90
CA TYR A 6 13.18 -13.57 -11.64
C TYR A 6 11.81 -14.21 -11.52
N LEU A 7 11.62 -14.95 -10.44
CA LEU A 7 10.35 -15.62 -10.16
C LEU A 7 9.69 -14.90 -9.00
N VAL A 8 8.54 -14.29 -9.25
CA VAL A 8 7.86 -13.45 -8.27
C VAL A 8 6.63 -14.20 -7.76
N ILE A 9 6.53 -14.32 -6.43
N ILE A 9 6.52 -14.33 -6.44
CA ILE A 9 5.35 -14.90 -5.80
CA ILE A 9 5.33 -14.93 -5.83
C ILE A 9 4.46 -13.75 -5.37
C ILE A 9 4.44 -13.80 -5.35
N GLY A 10 3.27 -13.67 -5.97
CA GLY A 10 2.28 -12.67 -5.64
C GLY A 10 2.16 -11.62 -6.73
N ALA A 11 0.93 -11.36 -7.19
CA ALA A 11 0.70 -10.39 -8.26
C ALA A 11 -0.10 -9.18 -7.79
N GLY A 12 -0.08 -8.89 -6.49
CA GLY A 12 -0.61 -7.63 -5.97
C GLY A 12 0.28 -6.48 -6.38
N ILE A 13 0.06 -5.33 -5.73
CA ILE A 13 0.83 -4.14 -6.09
C ILE A 13 2.32 -4.36 -5.86
N ALA A 14 2.70 -5.15 -4.84
CA ALA A 14 4.12 -5.37 -4.57
C ALA A 14 4.77 -6.19 -5.66
N GLY A 15 4.20 -7.35 -5.99
CA GLY A 15 4.81 -8.18 -7.01
C GLY A 15 4.71 -7.56 -8.39
N ALA A 16 3.61 -6.87 -8.66
CA ALA A 16 3.44 -6.23 -9.97
C ALA A 16 4.43 -5.09 -10.16
N SER A 17 4.62 -4.24 -9.16
CA SER A 17 5.55 -3.12 -9.30
C SER A 17 7.00 -3.60 -9.40
N THR A 18 7.40 -4.53 -8.53
CA THR A 18 8.74 -5.08 -8.63
C THR A 18 8.94 -5.76 -9.99
N GLY A 19 7.98 -6.58 -10.40
CA GLY A 19 8.11 -7.27 -11.68
C GLY A 19 8.17 -6.30 -12.85
N TYR A 20 7.41 -5.22 -12.77
CA TYR A 20 7.43 -4.23 -13.85
C TYR A 20 8.84 -3.69 -14.08
N TRP A 21 9.52 -3.23 -13.01
CA TRP A 21 10.87 -2.70 -13.18
C TRP A 21 11.87 -3.81 -13.53
N LEU A 22 11.70 -5.03 -12.99
CA LEU A 22 12.62 -6.10 -13.35
C LEU A 22 12.49 -6.50 -14.79
N SER A 23 11.29 -6.39 -15.37
CA SER A 23 11.02 -6.97 -16.68
C SER A 23 11.78 -6.29 -17.80
N ALA A 24 12.30 -5.08 -17.57
CA ALA A 24 13.18 -4.42 -18.52
C ALA A 24 14.54 -5.08 -18.61
N HIS A 25 14.88 -5.96 -17.67
CA HIS A 25 16.23 -6.47 -17.53
C HIS A 25 16.34 -7.98 -17.62
N GLY A 26 15.23 -8.70 -17.64
CA GLY A 26 15.29 -10.15 -17.70
C GLY A 26 13.89 -10.70 -17.74
N ARG A 27 13.80 -12.02 -17.85
N ARG A 27 13.80 -12.03 -17.81
CA ARG A 27 12.52 -12.71 -17.93
CA ARG A 27 12.53 -12.72 -17.91
C ARG A 27 11.89 -12.81 -16.54
C ARG A 27 11.88 -12.83 -16.54
N VAL A 28 10.71 -12.23 -16.39
CA VAL A 28 9.95 -12.25 -15.14
C VAL A 28 8.79 -13.21 -15.31
N VAL A 29 8.61 -14.11 -14.34
CA VAL A 29 7.39 -14.91 -14.22
C VAL A 29 6.81 -14.61 -12.85
N VAL A 30 5.54 -14.18 -12.84
CA VAL A 30 4.82 -13.92 -11.59
C VAL A 30 3.81 -15.04 -11.40
N LEU A 31 3.84 -15.66 -10.22
CA LEU A 31 2.90 -16.73 -9.85
C LEU A 31 1.90 -16.14 -8.86
N GLU A 32 0.61 -16.25 -9.18
CA GLU A 32 -0.46 -15.73 -8.33
C GLU A 32 -1.46 -16.84 -8.01
N ARG A 33 -1.75 -17.00 -6.72
CA ARG A 33 -2.65 -18.05 -6.24
C ARG A 33 -4.07 -17.87 -6.76
N GLU A 34 -4.59 -16.64 -6.76
CA GLU A 34 -5.99 -16.42 -7.05
C GLU A 34 -6.24 -16.40 -8.56
N ALA A 35 -7.53 -16.36 -8.93
CA ALA A 35 -7.91 -16.29 -10.33
C ALA A 35 -7.64 -14.91 -10.94
N GLN A 36 -7.50 -13.89 -10.10
CA GLN A 36 -7.19 -12.55 -10.55
CA GLN A 36 -7.21 -12.53 -10.54
C GLN A 36 -6.13 -11.97 -9.63
N PRO A 37 -5.25 -11.13 -10.19
N PRO A 37 -5.38 -10.97 -10.10
CA PRO A 37 -4.42 -10.27 -9.36
CA PRO A 37 -4.20 -10.49 -9.32
C PRO A 37 -5.32 -9.21 -8.76
C PRO A 37 -4.48 -9.50 -8.19
N GLY A 38 -4.97 -8.78 -7.55
N GLY A 38 -5.66 -8.88 -8.15
CA GLY A 38 -5.75 -7.74 -6.89
CA GLY A 38 -5.90 -7.85 -7.17
C GLY A 38 -7.03 -8.21 -6.25
C GLY A 38 -7.02 -8.21 -6.22
N TYR A 39 -7.15 -9.50 -5.92
CA TYR A 39 -8.28 -9.96 -5.12
C TYR A 39 -8.09 -9.65 -3.64
N HIS A 40 -6.85 -9.57 -3.18
CA HIS A 40 -6.55 -9.36 -1.77
C HIS A 40 -6.30 -7.87 -1.51
N SER A 41 -5.23 -7.47 -0.82
CA SER A 41 -5.20 -6.12 -0.27
C SER A 41 -5.20 -5.06 -1.35
N THR A 42 -4.58 -5.35 -2.50
CA THR A 42 -4.47 -4.35 -3.55
C THR A 42 -5.83 -3.98 -4.14
N GLY A 43 -6.83 -4.84 -4.01
CA GLY A 43 -8.18 -4.53 -4.45
C GLY A 43 -9.08 -4.02 -3.36
N ARG A 44 -8.55 -3.70 -2.18
CA ARG A 44 -9.37 -3.43 -1.00
C ARG A 44 -9.01 -2.13 -0.29
N SER A 45 -8.16 -1.30 -0.89
CA SER A 45 -7.63 -0.13 -0.19
C SER A 45 -8.58 1.07 -0.32
N ALA A 46 -8.24 2.14 0.40
CA ALA A 46 -8.93 3.42 0.29
C ALA A 46 -8.41 4.25 -0.88
N ALA A 47 -7.41 3.74 -1.61
CA ALA A 47 -6.96 4.35 -2.86
C ALA A 47 -6.53 5.81 -2.66
N HIS A 48 -5.78 6.09 -1.60
CA HIS A 48 -5.36 7.45 -1.30
C HIS A 48 -3.85 7.55 -1.18
N TYR A 49 -3.34 8.73 -1.52
CA TYR A 49 -1.93 9.07 -1.48
C TYR A 49 -1.76 10.23 -0.49
N THR A 50 -1.03 9.97 0.59
CA THR A 50 -0.81 10.93 1.66
C THR A 50 0.67 10.90 2.03
N VAL A 51 1.37 12.02 1.87
CA VAL A 51 2.80 12.03 2.21
C VAL A 51 3.03 11.92 3.71
N ALA A 52 2.29 12.71 4.51
CA ALA A 52 2.56 12.79 5.95
C ALA A 52 1.80 11.69 6.68
N TYR A 53 2.26 10.45 6.48
CA TYR A 53 1.54 9.29 6.96
C TYR A 53 2.53 8.14 7.07
N GLY A 54 2.56 7.47 8.20
CA GLY A 54 3.51 6.39 8.40
C GLY A 54 4.81 6.89 9.01
N THR A 55 5.80 5.99 9.04
CA THR A 55 7.11 6.30 9.62
C THR A 55 7.91 7.13 8.63
N PRO A 56 9.05 7.68 9.05
CA PRO A 56 9.91 8.42 8.11
C PRO A 56 10.28 7.66 6.84
N GLN A 57 10.58 6.36 6.93
CA GLN A 57 10.90 5.61 5.71
C GLN A 57 9.72 5.56 4.77
N VAL A 58 8.52 5.34 5.31
CA VAL A 58 7.32 5.31 4.50
C VAL A 58 7.12 6.64 3.80
N ARG A 59 7.27 7.74 4.54
CA ARG A 59 7.07 9.06 3.96
C ARG A 59 8.06 9.32 2.82
N ALA A 60 9.30 8.82 2.96
CA ALA A 60 10.29 8.98 1.91
C ALA A 60 9.93 8.17 0.66
N LEU A 61 9.49 6.92 0.85
CA LEU A 61 9.08 6.08 -0.28
C LEU A 61 7.87 6.70 -0.97
N THR A 62 6.94 7.25 -0.18
CA THR A 62 5.75 7.87 -0.77
C THR A 62 6.13 9.09 -1.58
N ALA A 63 6.91 9.99 -0.98
CA ALA A 63 7.33 11.19 -1.69
C ALA A 63 8.07 10.84 -2.97
N ALA A 64 8.93 9.81 -2.91
CA ALA A 64 9.73 9.44 -4.07
C ALA A 64 8.91 8.76 -5.17
N SER A 65 7.70 8.27 -4.87
CA SER A 65 6.85 7.65 -5.86
C SER A 65 6.08 8.65 -6.71
N ARG A 66 5.98 9.91 -6.26
N ARG A 66 5.95 9.90 -6.26
CA ARG A 66 5.09 10.87 -6.90
CA ARG A 66 5.04 10.81 -6.96
C ARG A 66 5.49 11.15 -8.35
C ARG A 66 5.48 11.08 -8.38
N ALA A 67 6.80 11.16 -8.62
CA ALA A 67 7.27 11.49 -9.96
C ALA A 67 6.74 10.50 -11.00
N PHE A 68 6.81 9.20 -10.68
CA PHE A 68 6.28 8.20 -11.59
C PHE A 68 4.77 8.32 -11.71
N PHE A 69 4.07 8.50 -10.59
CA PHE A 69 2.61 8.58 -10.64
C PHE A 69 2.16 9.75 -11.50
N ASP A 70 2.87 10.88 -11.45
N ASP A 70 2.86 10.90 -11.41
CA ASP A 70 2.45 12.06 -12.20
CA ASP A 70 2.48 12.07 -12.18
C ASP A 70 3.00 12.12 -13.61
C ASP A 70 2.80 11.87 -13.67
N ASN A 71 3.95 11.24 -13.97
CA ASN A 71 4.51 11.24 -15.33
C ASN A 71 5.01 9.84 -15.68
N PRO A 72 4.11 8.88 -15.80
CA PRO A 72 4.53 7.52 -16.12
C PRO A 72 4.97 7.43 -17.57
N PRO A 73 5.72 6.39 -17.93
CA PRO A 73 6.18 6.24 -19.32
C PRO A 73 5.03 6.19 -20.30
N ALA A 74 5.30 6.62 -21.53
CA ALA A 74 4.30 6.53 -22.59
C ALA A 74 3.77 5.11 -22.71
N GLY A 75 2.45 4.99 -22.83
CA GLY A 75 1.79 3.71 -22.94
C GLY A 75 1.46 3.03 -21.62
N PHE A 76 1.93 3.56 -20.49
CA PHE A 76 1.65 2.91 -19.21
C PHE A 76 0.16 2.94 -18.87
N CYS A 77 -0.50 4.07 -19.12
CA CYS A 77 -1.91 4.20 -18.76
C CYS A 77 -2.55 5.20 -19.71
N GLU A 78 -3.88 5.11 -19.81
CA GLU A 78 -4.62 5.96 -20.73
C GLU A 78 -5.03 7.28 -20.10
N HIS A 79 -5.09 7.36 -18.78
CA HIS A 79 -5.55 8.56 -18.09
C HIS A 79 -4.72 8.77 -16.84
N PRO A 80 -4.80 9.93 -16.18
CA PRO A 80 -3.94 10.20 -15.02
C PRO A 80 -4.13 9.17 -13.92
N LEU A 81 -3.02 8.84 -13.26
CA LEU A 81 -3.05 7.91 -12.15
C LEU A 81 -3.51 8.57 -10.86
N LEU A 82 -3.30 9.87 -10.73
CA LEU A 82 -3.68 10.61 -9.54
C LEU A 82 -4.75 11.64 -9.86
N SER A 83 -5.62 11.89 -8.89
CA SER A 83 -6.65 12.91 -8.93
CA SER A 83 -6.55 12.98 -8.97
C SER A 83 -6.53 13.73 -7.65
N PRO A 84 -6.77 15.04 -7.68
CA PRO A 84 -6.52 15.86 -6.48
CA PRO A 84 -6.52 15.87 -6.49
C PRO A 84 -7.47 15.49 -5.35
N ARG A 85 -6.90 15.27 -4.17
CA ARG A 85 -7.70 14.97 -2.99
C ARG A 85 -6.92 15.36 -1.74
N PRO A 86 -6.92 16.65 -1.40
CA PRO A 86 -6.30 17.12 -0.15
C PRO A 86 -6.78 16.31 1.04
N GLU A 87 -5.95 16.29 2.08
CA GLU A 87 -6.29 15.60 3.32
C GLU A 87 -6.45 16.63 4.42
N MET A 88 -7.57 16.55 5.12
CA MET A 88 -7.83 17.37 6.30
C MET A 88 -7.89 16.47 7.52
N VAL A 89 -7.00 16.71 8.48
CA VAL A 89 -6.97 15.96 9.73
C VAL A 89 -7.55 16.85 10.81
N VAL A 90 -8.67 16.45 11.39
CA VAL A 90 -9.44 17.30 12.30
C VAL A 90 -9.26 16.84 13.74
N ASP A 91 -9.02 17.80 14.64
CA ASP A 91 -8.98 17.52 16.07
C ASP A 91 -10.41 17.56 16.61
N PHE A 92 -10.94 16.39 16.96
CA PHE A 92 -12.27 16.29 17.54
C PHE A 92 -12.24 16.14 19.06
N SER A 93 -11.07 16.19 19.70
CA SER A 93 -11.03 15.95 21.13
C SER A 93 -10.37 17.06 21.94
N ASP A 94 -9.99 18.18 21.31
CA ASP A 94 -9.35 19.29 22.01
C ASP A 94 -7.97 18.90 22.53
N ASP A 95 -7.04 18.68 21.60
CA ASP A 95 -5.66 18.27 21.90
C ASP A 95 -4.74 19.16 21.08
N PRO A 96 -4.65 20.45 21.44
CA PRO A 96 -3.86 21.38 20.61
C PRO A 96 -2.38 21.03 20.53
N GLU A 97 -1.80 20.43 21.58
CA GLU A 97 -0.39 20.07 21.50
C GLU A 97 -0.15 19.01 20.44
N GLU A 98 -1.05 18.02 20.34
CA GLU A 98 -0.93 17.00 19.31
C GLU A 98 -1.18 17.58 17.93
N LEU A 99 -2.18 18.46 17.81
CA LEU A 99 -2.45 19.10 16.54
C LEU A 99 -1.22 19.85 16.05
N ARG A 100 -0.56 20.58 16.95
CA ARG A 100 0.62 21.36 16.56
CA ARG A 100 0.61 21.36 16.54
C ARG A 100 1.79 20.46 16.20
N ARG A 101 1.98 19.36 16.94
CA ARG A 101 3.02 18.40 16.61
CA ARG A 101 3.02 18.41 16.61
C ARG A 101 2.84 17.86 15.20
N GLN A 102 1.60 17.48 14.86
CA GLN A 102 1.35 16.93 13.53
C GLN A 102 1.53 17.99 12.46
N TYR A 103 1.08 19.22 12.73
CA TYR A 103 1.28 20.31 11.78
C TYR A 103 2.77 20.54 11.51
N GLU A 104 3.57 20.62 12.57
CA GLU A 104 4.99 20.90 12.38
C GLU A 104 5.71 19.76 11.66
N SER A 105 5.41 18.52 12.02
CA SER A 105 6.06 17.39 11.38
CA SER A 105 6.09 17.42 11.37
C SER A 105 5.66 17.29 9.91
N GLY A 106 4.38 17.51 9.63
CA GLY A 106 3.90 17.44 8.26
C GLY A 106 4.46 18.57 7.41
N LYS A 107 4.46 19.79 7.96
CA LYS A 107 4.95 20.95 7.20
C LYS A 107 6.44 20.84 6.86
N ALA A 108 7.23 20.18 7.71
CA ALA A 108 8.64 19.98 7.40
C ALA A 108 8.81 19.15 6.14
N LEU A 109 7.87 18.25 5.86
N LEU A 109 7.85 18.28 5.85
CA LEU A 109 7.90 17.46 4.65
CA LEU A 109 7.86 17.41 4.68
C LEU A 109 7.09 18.07 3.51
C LEU A 109 7.01 17.94 3.54
N VAL A 110 5.98 18.71 3.84
CA VAL A 110 5.05 19.28 2.86
C VAL A 110 4.94 20.76 3.19
N PRO A 111 5.72 21.62 2.53
N PRO A 111 5.71 21.62 2.54
CA PRO A 111 5.73 23.04 2.94
CA PRO A 111 5.72 23.03 2.95
C PRO A 111 4.41 23.77 2.76
C PRO A 111 4.36 23.71 2.85
N GLN A 112 3.48 23.22 1.99
CA GLN A 112 2.15 23.83 1.85
C GLN A 112 1.16 23.37 2.90
N MET A 113 1.54 22.52 3.84
CA MET A 113 0.64 22.12 4.91
CA MET A 113 0.60 22.13 4.87
C MET A 113 0.19 23.34 5.70
N ARG A 114 -1.10 23.40 6.01
CA ARG A 114 -1.67 24.53 6.74
C ARG A 114 -2.31 24.07 8.05
N LEU A 115 -2.35 24.99 9.00
CA LEU A 115 -3.06 24.82 10.26
C LEU A 115 -4.35 25.62 10.16
N LEU A 116 -5.50 24.95 10.29
CA LEU A 116 -6.81 25.58 10.16
C LEU A 116 -7.45 25.76 11.53
N ASP A 117 -8.21 26.84 11.68
CA ASP A 117 -9.09 26.95 12.83
C ASP A 117 -10.39 26.18 12.58
N ALA A 118 -11.25 26.12 13.60
CA ALA A 118 -12.47 25.31 13.50
C ALA A 118 -13.38 25.81 12.38
N GLU A 119 -13.51 27.13 12.22
CA GLU A 119 -14.39 27.65 11.18
C GLU A 119 -13.89 27.29 9.79
N GLN A 120 -12.56 27.32 9.58
CA GLN A 120 -12.01 26.95 8.29
C GLN A 120 -12.27 25.49 7.99
N ALA A 121 -12.11 24.62 9.00
CA ALA A 121 -12.38 23.20 8.77
C ALA A 121 -13.84 22.97 8.41
N CYS A 122 -14.75 23.63 9.13
CA CYS A 122 -16.18 23.44 8.88
C CYS A 122 -16.61 24.03 7.54
N SER A 123 -15.92 25.07 7.05
N SER A 123 -15.92 25.06 7.05
N SER A 123 -15.91 25.03 7.03
CA SER A 123 -16.20 25.59 5.72
CA SER A 123 -16.22 25.57 5.72
CA SER A 123 -16.24 25.57 5.72
C SER A 123 -15.92 24.52 4.67
C SER A 123 -15.91 24.53 4.65
C SER A 123 -15.77 24.67 4.59
N ILE A 124 -14.83 23.77 4.86
CA ILE A 124 -14.41 22.79 3.85
C ILE A 124 -15.29 21.54 3.89
N VAL A 125 -15.67 21.05 5.06
CA VAL A 125 -16.60 19.93 5.17
C VAL A 125 -17.78 20.39 6.02
N PRO A 126 -18.88 20.86 5.41
CA PRO A 126 -19.90 21.57 6.19
C PRO A 126 -20.71 20.66 7.09
N VAL A 127 -20.61 19.35 6.95
CA VAL A 127 -21.31 18.43 7.85
C VAL A 127 -20.56 18.20 9.16
N LEU A 128 -19.36 18.73 9.33
CA LEU A 128 -18.73 18.62 10.64
C LEU A 128 -19.59 19.28 11.70
N ARG A 129 -19.65 18.67 12.89
CA ARG A 129 -20.32 19.30 14.02
C ARG A 129 -19.40 20.35 14.60
N ARG A 130 -19.79 21.63 14.48
CA ARG A 130 -18.89 22.71 14.87
C ARG A 130 -18.49 22.59 16.33
N ASP A 131 -19.40 22.14 17.19
CA ASP A 131 -19.12 22.00 18.62
C ASP A 131 -18.05 20.96 18.90
N LYS A 132 -17.77 20.06 17.96
CA LYS A 132 -16.81 18.99 18.16
C LYS A 132 -15.46 19.27 17.51
N VAL A 133 -15.29 20.41 16.85
CA VAL A 133 -14.12 20.68 16.03
C VAL A 133 -13.24 21.71 16.73
N PHE A 134 -11.96 21.39 16.87
CA PHE A 134 -11.01 22.25 17.58
C PHE A 134 -9.86 22.74 16.72
N GLY A 135 -9.91 22.50 15.42
CA GLY A 135 -8.84 22.84 14.50
C GLY A 135 -8.50 21.66 13.61
N ALA A 136 -7.62 21.91 12.65
CA ALA A 136 -7.27 20.86 11.69
C ALA A 136 -5.94 21.17 11.04
N THR A 137 -5.31 20.14 10.47
CA THR A 137 -4.27 20.35 9.46
C THR A 137 -4.88 20.11 8.08
N TYR A 138 -4.27 20.74 7.08
CA TYR A 138 -4.78 20.66 5.72
C TYR A 138 -3.59 20.49 4.79
N ASP A 139 -3.56 19.37 4.06
CA ASP A 139 -2.48 19.07 3.12
C ASP A 139 -3.02 19.22 1.71
N PRO A 140 -2.71 20.31 1.01
CA PRO A 140 -3.24 20.52 -0.34
C PRO A 140 -2.71 19.55 -1.38
N THR A 141 -1.72 18.73 -1.06
CA THR A 141 -1.03 17.89 -2.04
C THR A 141 -1.52 16.43 -2.04
N GLY A 142 -2.48 16.07 -1.18
CA GLY A 142 -3.00 14.70 -1.19
C GLY A 142 -3.67 14.36 -2.51
N ALA A 143 -3.74 13.06 -2.80
CA ALA A 143 -4.32 12.63 -4.07
C ALA A 143 -5.03 11.30 -3.91
N ASP A 144 -6.04 11.09 -4.75
CA ASP A 144 -6.64 9.76 -4.92
C ASP A 144 -5.89 9.02 -6.03
N ILE A 145 -5.72 7.71 -5.85
CA ILE A 145 -4.99 6.88 -6.81
C ILE A 145 -5.99 6.02 -7.58
N ASP A 146 -5.85 5.98 -8.90
CA ASP A 146 -6.60 5.03 -9.71
C ASP A 146 -5.84 3.70 -9.59
N THR A 147 -6.19 2.94 -8.54
N THR A 147 -6.19 2.94 -8.54
CA THR A 147 -5.40 1.76 -8.21
CA THR A 147 -5.43 1.75 -8.21
C THR A 147 -5.49 0.70 -9.32
C THR A 147 -5.49 0.72 -9.32
N ASP A 148 -6.65 0.54 -9.94
CA ASP A 148 -6.74 -0.44 -11.00
C ASP A 148 -5.89 -0.05 -12.21
N ALA A 149 -5.89 1.23 -12.60
CA ALA A 149 -5.05 1.64 -13.71
C ALA A 149 -3.58 1.46 -13.38
N LEU A 150 -3.19 1.78 -12.14
CA LEU A 150 -1.80 1.62 -11.74
C LEU A 150 -1.40 0.15 -11.75
N HIS A 151 -2.19 -0.69 -11.09
CA HIS A 151 -1.88 -2.11 -10.97
C HIS A 151 -1.84 -2.76 -12.36
N GLN A 152 -2.85 -2.48 -13.18
CA GLN A 152 -2.87 -3.04 -14.53
C GLN A 152 -1.74 -2.50 -15.38
N GLY A 153 -1.35 -1.24 -15.18
CA GLY A 153 -0.19 -0.72 -15.91
C GLY A 153 1.06 -1.52 -15.61
N TYR A 154 1.28 -1.84 -14.33
CA TYR A 154 2.44 -2.65 -13.97
C TYR A 154 2.36 -4.03 -14.62
N LEU A 155 1.20 -4.69 -14.51
CA LEU A 155 1.05 -6.04 -15.02
C LEU A 155 1.16 -6.10 -16.54
N ARG A 156 0.51 -5.17 -17.23
N ARG A 156 0.52 -5.16 -17.22
CA ARG A 156 0.63 -5.12 -18.69
CA ARG A 156 0.61 -5.09 -18.68
C ARG A 156 2.08 -4.86 -19.08
C ARG A 156 2.04 -4.80 -19.12
N GLY A 157 2.78 -4.02 -18.32
CA GLY A 157 4.16 -3.73 -18.64
C GLY A 157 5.04 -4.95 -18.57
N ILE A 158 4.80 -5.81 -17.56
CA ILE A 158 5.54 -7.08 -17.49
C ILE A 158 5.30 -7.89 -18.76
N ARG A 159 4.03 -8.03 -19.16
N ARG A 159 4.04 -8.03 -19.16
CA ARG A 159 3.71 -8.85 -20.32
CA ARG A 159 3.72 -8.86 -20.32
C ARG A 159 4.28 -8.25 -21.61
C ARG A 159 4.25 -8.26 -21.61
N ARG A 160 4.27 -6.92 -21.72
CA ARG A 160 4.84 -6.29 -22.92
C ARG A 160 6.35 -6.52 -23.00
N ASN A 161 7.01 -6.76 -21.86
CA ASN A 161 8.42 -7.09 -21.81
C ASN A 161 8.68 -8.59 -21.80
N GLN A 162 7.74 -9.38 -22.32
CA GLN A 162 7.88 -10.83 -22.49
C GLN A 162 7.89 -11.58 -21.17
N GLY A 163 7.45 -10.94 -20.09
CA GLY A 163 7.22 -11.64 -18.85
C GLY A 163 5.86 -12.30 -18.86
N GLN A 164 5.60 -13.06 -17.81
CA GLN A 164 4.36 -13.80 -17.67
C GLN A 164 3.76 -13.52 -16.31
N VAL A 165 2.45 -13.39 -16.26
CA VAL A 165 1.72 -13.27 -15.02
C VAL A 165 0.70 -14.40 -15.02
N LEU A 166 0.91 -15.38 -14.14
CA LEU A 166 0.19 -16.66 -14.20
C LEU A 166 -0.70 -16.78 -12.96
N CYS A 167 -2.00 -16.57 -13.16
CA CYS A 167 -2.97 -16.75 -12.10
C CYS A 167 -3.31 -18.23 -11.95
N ASN A 168 -4.01 -18.56 -10.86
N ASN A 168 -4.01 -18.54 -10.85
CA ASN A 168 -4.31 -19.96 -10.51
CA ASN A 168 -4.31 -19.93 -10.48
C ASN A 168 -3.04 -20.79 -10.38
C ASN A 168 -3.04 -20.78 -10.39
N HIS A 169 -1.97 -20.15 -9.89
CA HIS A 169 -0.66 -20.78 -9.76
C HIS A 169 -0.14 -20.56 -8.32
N GLU A 170 -0.82 -21.13 -7.34
CA GLU A 170 -0.34 -21.05 -5.97
C GLU A 170 0.98 -21.78 -5.83
N ALA A 171 1.97 -21.10 -5.27
CA ALA A 171 3.22 -21.75 -4.92
C ALA A 171 2.98 -22.67 -3.72
N LEU A 172 3.25 -23.96 -3.89
CA LEU A 172 2.99 -24.97 -2.87
C LEU A 172 4.25 -25.55 -2.24
N GLU A 173 5.34 -25.63 -2.99
N GLU A 173 5.34 -25.61 -2.98
CA GLU A 173 6.62 -26.08 -2.48
CA GLU A 173 6.61 -26.07 -2.44
C GLU A 173 7.69 -25.16 -3.03
C GLU A 173 7.70 -25.20 -3.04
N ILE A 174 8.72 -24.91 -2.24
CA ILE A 174 9.80 -24.00 -2.63
C ILE A 174 11.10 -24.61 -2.14
N ARG A 175 12.08 -24.75 -3.03
CA ARG A 175 13.31 -25.41 -2.63
C ARG A 175 14.49 -24.85 -3.43
N ARG A 176 15.59 -24.65 -2.74
N ARG A 176 15.60 -24.63 -2.74
CA ARG A 176 16.83 -24.23 -3.39
CA ARG A 176 16.84 -24.22 -3.41
C ARG A 176 17.54 -25.48 -3.92
C ARG A 176 17.54 -25.47 -3.93
N VAL A 177 17.70 -25.56 -5.25
CA VAL A 177 18.25 -26.74 -5.92
C VAL A 177 19.27 -26.27 -6.94
N ASP A 178 20.53 -26.69 -6.75
N ASP A 178 20.52 -26.71 -6.77
CA ASP A 178 21.59 -26.48 -7.74
CA ASP A 178 21.58 -26.47 -7.76
C ASP A 178 21.73 -25.01 -8.13
C ASP A 178 21.70 -25.00 -8.14
N GLY A 179 21.79 -24.14 -7.12
CA GLY A 179 22.01 -22.73 -7.35
C GLY A 179 20.81 -21.92 -7.81
N ALA A 180 19.60 -22.48 -7.75
CA ALA A 180 18.42 -21.72 -8.12
C ALA A 180 17.27 -22.14 -7.24
N TRP A 181 16.23 -21.30 -7.22
CA TRP A 181 15.00 -21.61 -6.50
C TRP A 181 14.04 -22.32 -7.44
N GLU A 182 13.44 -23.40 -6.95
CA GLU A 182 12.45 -24.15 -7.70
C GLU A 182 11.13 -24.11 -6.96
N VAL A 183 10.08 -23.70 -7.65
CA VAL A 183 8.75 -23.56 -7.07
C VAL A 183 7.82 -24.54 -7.76
N ARG A 184 7.12 -25.34 -6.98
N ARG A 184 7.08 -25.31 -6.97
CA ARG A 184 6.12 -26.24 -7.53
CA ARG A 184 6.12 -26.30 -7.48
C ARG A 184 4.73 -25.65 -7.29
C ARG A 184 4.70 -25.76 -7.27
N CYS A 185 3.96 -25.59 -8.36
CA CYS A 185 2.53 -25.32 -8.32
C CYS A 185 1.81 -26.54 -8.89
N ASP A 186 0.51 -26.65 -8.63
CA ASP A 186 -0.22 -27.74 -9.30
C ASP A 186 -0.15 -27.61 -10.81
N ALA A 187 -0.07 -26.38 -11.33
CA ALA A 187 -0.13 -26.12 -12.77
C ALA A 187 1.23 -26.09 -13.45
N GLY A 188 2.31 -26.36 -12.73
CA GLY A 188 3.63 -26.39 -13.34
C GLY A 188 4.70 -26.08 -12.31
N SER A 189 5.94 -26.24 -12.73
N SER A 189 5.95 -26.25 -12.72
CA SER A 189 7.10 -25.94 -11.90
CA SER A 189 7.10 -25.95 -11.89
C SER A 189 7.94 -24.87 -12.57
C SER A 189 7.97 -24.89 -12.57
N TYR A 190 8.63 -24.09 -11.74
CA TYR A 190 9.32 -22.87 -12.18
C TYR A 190 10.67 -22.79 -11.49
N ARG A 191 11.67 -22.30 -12.21
CA ARG A 191 13.04 -22.24 -11.71
C ARG A 191 13.61 -20.86 -12.04
N ALA A 192 14.25 -20.24 -11.05
CA ALA A 192 14.94 -18.97 -11.29
C ALA A 192 16.00 -18.76 -10.21
N ALA A 193 17.06 -18.04 -10.57
CA ALA A 193 18.11 -17.73 -9.59
C ALA A 193 17.58 -16.85 -8.46
N VAL A 194 16.57 -16.04 -8.72
CA VAL A 194 16.03 -15.13 -7.72
C VAL A 194 14.57 -15.47 -7.49
N LEU A 195 14.21 -15.65 -6.23
CA LEU A 195 12.82 -15.78 -5.80
CA LEU A 195 12.82 -15.80 -5.81
C LEU A 195 12.43 -14.50 -5.11
N VAL A 196 11.45 -13.80 -5.67
CA VAL A 196 10.96 -12.54 -5.11
C VAL A 196 9.69 -12.86 -4.33
N ASN A 197 9.76 -12.73 -3.02
CA ASN A 197 8.63 -13.02 -2.14
C ASN A 197 7.81 -11.75 -1.96
N ALA A 198 6.73 -11.62 -2.74
CA ALA A 198 5.83 -10.47 -2.75
C ALA A 198 4.41 -10.90 -2.40
N ALA A 199 4.30 -11.80 -1.44
CA ALA A 199 3.04 -12.51 -1.17
C ALA A 199 2.15 -11.80 -0.16
N GLY A 200 2.33 -10.50 0.06
CA GLY A 200 1.40 -9.77 0.90
C GLY A 200 1.41 -10.28 2.32
N ALA A 201 0.21 -10.49 2.87
CA ALA A 201 0.09 -11.03 4.22
C ALA A 201 0.68 -12.43 4.35
N TRP A 202 0.95 -13.10 3.23
CA TRP A 202 1.49 -14.46 3.23
C TRP A 202 3.00 -14.51 3.08
N CYS A 203 3.71 -13.38 3.16
CA CYS A 203 5.16 -13.45 2.95
C CYS A 203 5.86 -14.40 3.90
N ASP A 204 5.47 -14.41 5.19
CA ASP A 204 6.14 -15.33 6.10
C ASP A 204 5.75 -16.77 5.81
N ALA A 205 4.55 -17.01 5.30
CA ALA A 205 4.18 -18.37 4.91
C ALA A 205 5.08 -18.87 3.78
N ILE A 206 5.38 -17.99 2.82
CA ILE A 206 6.29 -18.35 1.74
C ILE A 206 7.68 -18.68 2.29
N ALA A 207 8.18 -17.84 3.19
CA ALA A 207 9.45 -18.15 3.84
C ALA A 207 9.41 -19.50 4.55
N GLY A 208 8.26 -19.86 5.12
CA GLY A 208 8.13 -21.15 5.78
C GLY A 208 8.28 -22.31 4.81
N LEU A 209 7.68 -22.20 3.62
CA LEU A 209 7.88 -23.23 2.60
C LEU A 209 9.34 -23.36 2.20
N ALA A 210 10.07 -22.24 2.18
CA ALA A 210 11.45 -22.21 1.73
C ALA A 210 12.45 -22.52 2.82
N GLY A 211 12.03 -22.64 4.09
CA GLY A 211 12.97 -22.82 5.18
C GLY A 211 13.80 -21.60 5.52
N VAL A 212 13.26 -20.39 5.30
CA VAL A 212 13.96 -19.13 5.54
C VAL A 212 13.34 -18.48 6.77
N ARG A 213 14.19 -17.98 7.67
CA ARG A 213 13.67 -17.37 8.90
C ARG A 213 12.73 -16.22 8.56
N PRO A 214 11.53 -16.19 9.13
CA PRO A 214 10.56 -15.17 8.75
C PRO A 214 10.83 -13.82 9.41
N LEU A 215 10.07 -12.83 8.95
N LEU A 215 10.08 -12.82 8.97
CA LEU A 215 10.23 -11.45 9.40
CA LEU A 215 10.31 -11.45 9.39
C LEU A 215 9.51 -11.18 10.73
C LEU A 215 9.47 -11.03 10.58
N GLY A 216 8.47 -11.94 11.05
N GLY A 216 8.55 -11.87 11.04
CA GLY A 216 7.56 -11.56 12.10
CA GLY A 216 7.62 -11.45 12.06
C GLY A 216 6.41 -10.68 11.61
C GLY A 216 6.60 -10.47 11.48
N LEU A 217 6.00 -10.86 10.36
CA LEU A 217 4.97 -10.05 9.74
C LEU A 217 3.65 -10.26 10.44
N GLN A 218 2.95 -9.17 10.73
CA GLN A 218 1.64 -9.23 11.37
C GLN A 218 0.58 -8.65 10.45
N PRO A 219 -0.28 -9.47 9.84
CA PRO A 219 -1.44 -8.91 9.11
C PRO A 219 -2.45 -8.31 10.09
N LYS A 220 -3.03 -7.18 9.67
CA LYS A 220 -4.01 -6.47 10.50
C LYS A 220 -5.23 -6.11 9.66
N ARG A 221 -6.41 -6.49 10.15
CA ARG A 221 -7.66 -6.23 9.43
C ARG A 221 -8.03 -4.76 9.51
N ARG A 222 -8.41 -4.18 8.37
CA ARG A 222 -9.09 -2.89 8.32
C ARG A 222 -10.34 -3.06 7.49
N SER A 223 -11.49 -2.67 8.04
CA SER A 223 -12.76 -2.69 7.33
C SER A 223 -13.09 -1.31 6.79
N ALA A 224 -13.93 -1.28 5.76
CA ALA A 224 -14.40 -0.03 5.17
C ALA A 224 -15.78 -0.27 4.57
N PHE A 225 -16.47 0.82 4.26
CA PHE A 225 -17.82 0.70 3.74
C PHE A 225 -18.17 1.92 2.91
N ILE A 226 -19.15 1.75 2.05
N ILE A 226 -19.12 1.77 2.01
CA ILE A 226 -19.71 2.80 1.21
CA ILE A 226 -19.64 2.89 1.25
C ILE A 226 -21.12 3.09 1.71
C ILE A 226 -21.11 3.10 1.59
N PHE A 227 -21.48 4.36 1.74
CA PHE A 227 -22.84 4.73 2.11
C PHE A 227 -23.29 5.95 1.31
N ALA A 228 -24.60 6.14 1.29
CA ALA A 228 -25.16 7.21 0.49
C ALA A 228 -25.12 8.52 1.25
N PRO A 229 -24.68 9.60 0.63
CA PRO A 229 -24.78 10.92 1.25
C PRO A 229 -26.21 11.40 1.17
N PRO A 230 -26.57 12.47 1.89
CA PRO A 230 -27.89 13.05 1.67
C PRO A 230 -27.98 13.63 0.27
N PRO A 231 -29.11 13.41 -0.42
CA PRO A 231 -29.17 13.75 -1.85
C PRO A 231 -29.08 15.23 -2.14
N GLY A 232 -29.32 16.11 -1.16
CA GLY A 232 -29.33 17.53 -1.39
C GLY A 232 -28.03 18.26 -1.20
N ILE A 233 -26.93 17.56 -0.91
CA ILE A 233 -25.64 18.20 -0.69
C ILE A 233 -24.61 17.59 -1.63
N ASP A 234 -23.70 18.44 -2.11
CA ASP A 234 -22.64 18.03 -3.02
C ASP A 234 -21.37 17.81 -2.19
N CYS A 235 -21.01 16.55 -1.99
CA CYS A 235 -19.77 16.23 -1.29
CA CYS A 235 -19.79 16.17 -1.28
C CYS A 235 -18.65 15.82 -2.22
N HIS A 236 -18.85 15.97 -3.53
CA HIS A 236 -17.86 15.38 -4.41
CA HIS A 236 -17.91 15.55 -4.58
C HIS A 236 -16.49 16.04 -4.32
N ASP A 237 -16.38 17.28 -3.86
CA ASP A 237 -15.08 17.94 -3.75
C ASP A 237 -14.51 17.94 -2.34
N TRP A 238 -15.12 17.23 -1.40
CA TRP A 238 -14.60 17.24 -0.04
C TRP A 238 -13.22 16.58 -0.01
N PRO A 239 -12.35 17.03 0.88
CA PRO A 239 -11.07 16.35 1.09
C PRO A 239 -11.28 15.00 1.74
N MET A 240 -10.23 14.20 1.72
N MET A 240 -10.20 14.22 1.77
CA MET A 240 -10.19 13.10 2.67
CA MET A 240 -10.12 13.06 2.66
C MET A 240 -10.20 13.68 4.06
C MET A 240 -10.09 13.56 4.10
N LEU A 241 -11.10 13.18 4.90
CA LEU A 241 -11.24 13.65 6.27
C LEU A 241 -10.75 12.54 7.21
N VAL A 242 -9.85 12.87 8.12
CA VAL A 242 -9.33 11.92 9.09
C VAL A 242 -9.36 12.60 10.46
N SER A 243 -9.67 11.83 11.51
CA SER A 243 -9.54 12.40 12.84
C SER A 243 -8.09 12.39 13.31
N LEU A 244 -7.79 13.25 14.29
CA LEU A 244 -6.41 13.46 14.71
C LEU A 244 -5.75 12.18 15.22
N ASP A 245 -6.52 11.26 15.80
CA ASP A 245 -5.99 9.99 16.30
C ASP A 245 -6.26 8.83 15.35
N GLU A 246 -6.63 9.12 14.10
CA GLU A 246 -7.03 8.13 13.09
C GLU A 246 -8.08 7.18 13.63
N SER A 247 -9.02 7.70 14.43
CA SER A 247 -10.15 6.89 14.83
C SER A 247 -11.09 6.58 13.67
N PHE A 248 -11.12 7.40 12.63
CA PHE A 248 -11.92 7.11 11.45
C PHE A 248 -11.38 7.93 10.29
N PHE A 249 -11.81 7.56 9.08
CA PHE A 249 -11.68 8.46 7.94
C PHE A 249 -12.93 8.38 7.07
N LEU A 250 -13.08 9.38 6.21
CA LEU A 250 -14.26 9.55 5.37
C LEU A 250 -13.81 10.26 4.10
N LYS A 251 -14.17 9.74 2.92
CA LYS A 251 -13.74 10.34 1.66
CA LYS A 251 -13.78 10.40 1.68
C LYS A 251 -14.84 10.16 0.61
N PRO A 252 -15.02 11.10 -0.31
CA PRO A 252 -15.98 10.88 -1.39
C PRO A 252 -15.48 9.80 -2.34
N ASP A 253 -16.42 9.08 -2.95
CA ASP A 253 -16.08 8.01 -3.88
C ASP A 253 -17.28 7.79 -4.81
N ALA A 254 -17.19 8.30 -6.04
CA ALA A 254 -18.16 7.98 -7.09
C ALA A 254 -19.60 8.30 -6.70
N GLY A 255 -19.82 9.49 -6.16
CA GLY A 255 -21.13 9.91 -5.74
C GLY A 255 -21.56 9.38 -4.39
N MET A 256 -20.78 8.49 -3.80
CA MET A 256 -21.03 7.95 -2.48
C MET A 256 -19.98 8.47 -1.51
N LEU A 257 -20.06 8.02 -0.26
CA LEU A 257 -19.04 8.30 0.74
C LEU A 257 -18.45 6.98 1.20
N LEU A 258 -17.13 6.98 1.35
CA LEU A 258 -16.39 5.83 1.84
C LEU A 258 -15.96 6.14 3.28
N GLY A 259 -16.37 5.30 4.23
CA GLY A 259 -15.98 5.47 5.60
C GLY A 259 -15.24 4.27 6.14
N SER A 260 -14.52 4.46 7.24
CA SER A 260 -13.80 3.36 7.87
C SER A 260 -13.49 3.73 9.31
N PRO A 261 -13.53 2.75 10.23
CA PRO A 261 -12.98 2.97 11.57
C PRO A 261 -11.45 2.89 11.60
N ALA A 262 -10.80 2.68 10.46
CA ALA A 262 -9.35 2.72 10.38
C ALA A 262 -8.74 1.73 11.37
N ASN A 263 -9.34 0.55 11.47
CA ASN A 263 -8.89 -0.43 12.44
C ASN A 263 -7.63 -1.17 11.97
N ALA A 264 -7.04 -1.88 12.91
CA ALA A 264 -5.80 -2.61 12.68
C ALA A 264 -5.80 -3.82 13.62
N ASP A 265 -6.75 -4.71 13.43
CA ASP A 265 -6.96 -5.81 14.35
C ASP A 265 -6.07 -6.97 13.91
N PRO A 266 -5.12 -7.43 14.72
CA PRO A 266 -4.21 -8.49 14.25
CA PRO A 266 -4.21 -8.49 14.25
C PRO A 266 -4.94 -9.79 13.98
N VAL A 267 -4.68 -10.38 12.81
CA VAL A 267 -5.32 -11.61 12.37
C VAL A 267 -4.30 -12.42 11.58
N GLU A 268 -4.62 -13.69 11.36
N GLU A 268 -4.62 -13.69 11.36
CA GLU A 268 -3.82 -14.52 10.46
CA GLU A 268 -3.83 -14.50 10.45
C GLU A 268 -4.12 -14.15 9.01
C GLU A 268 -4.10 -14.09 9.01
N ALA A 269 -3.17 -14.45 8.13
CA ALA A 269 -3.37 -14.23 6.70
C ALA A 269 -4.51 -15.13 6.22
N HIS A 270 -5.53 -14.53 5.61
CA HIS A 270 -6.69 -15.26 5.10
C HIS A 270 -7.49 -14.30 4.22
N ASP A 271 -8.55 -14.81 3.59
CA ASP A 271 -9.46 -14.01 2.76
C ASP A 271 -10.41 -13.27 3.70
N VAL A 272 -10.00 -12.08 4.14
CA VAL A 272 -10.61 -11.45 5.30
C VAL A 272 -11.93 -10.80 4.95
N GLN A 273 -12.91 -10.95 5.86
CA GLN A 273 -14.24 -10.41 5.77
C GLN A 273 -14.43 -9.28 6.77
N PRO A 274 -15.33 -8.34 6.49
CA PRO A 274 -15.60 -7.30 7.49
C PRO A 274 -16.29 -7.89 8.70
N GLU A 275 -15.98 -7.36 9.87
CA GLU A 275 -16.69 -7.68 11.09
C GLU A 275 -17.76 -6.64 11.32
N GLN A 276 -18.94 -7.09 11.76
N GLN A 276 -18.94 -7.09 11.76
CA GLN A 276 -20.04 -6.17 12.02
CA GLN A 276 -20.04 -6.16 12.00
C GLN A 276 -19.64 -5.09 13.02
C GLN A 276 -19.64 -5.09 13.02
N LEU A 277 -18.87 -5.48 14.04
CA LEU A 277 -18.40 -4.50 15.03
C LEU A 277 -17.55 -3.41 14.39
N ASP A 278 -16.68 -3.77 13.44
CA ASP A 278 -15.87 -2.77 12.74
C ASP A 278 -16.78 -1.74 12.08
N ILE A 279 -17.78 -2.22 11.34
CA ILE A 279 -18.66 -1.34 10.59
C ILE A 279 -19.46 -0.46 11.53
N ALA A 280 -20.00 -1.07 12.60
CA ALA A 280 -20.78 -0.30 13.57
C ALA A 280 -19.93 0.80 14.22
N THR A 281 -18.67 0.47 14.53
CA THR A 281 -17.81 1.46 15.16
C THR A 281 -17.51 2.61 14.20
N GLY A 282 -17.19 2.31 12.95
CA GLY A 282 -16.95 3.37 11.99
C GLY A 282 -18.16 4.26 11.80
N MET A 283 -19.35 3.65 11.72
N MET A 283 -19.36 3.66 11.75
CA MET A 283 -20.58 4.43 11.60
CA MET A 283 -20.57 4.45 11.59
C MET A 283 -20.77 5.34 12.81
C MET A 283 -20.83 5.32 12.81
N TYR A 284 -20.59 4.79 14.01
CA TYR A 284 -20.75 5.57 15.23
C TYR A 284 -19.81 6.77 15.26
N LEU A 285 -18.54 6.56 14.90
CA LEU A 285 -17.57 7.63 14.99
C LEU A 285 -17.85 8.73 13.97
N ILE A 286 -18.25 8.36 12.75
CA ILE A 286 -18.60 9.37 11.76
C ILE A 286 -19.83 10.16 12.20
N GLU A 287 -20.83 9.47 12.77
CA GLU A 287 -22.02 10.17 13.23
C GLU A 287 -21.74 11.02 14.47
N GLU A 288 -20.72 10.68 15.25
CA GLU A 288 -20.35 11.50 16.40
C GLU A 288 -19.66 12.78 15.96
N ALA A 289 -18.93 12.75 14.85
CA ALA A 289 -18.16 13.87 14.35
C ALA A 289 -18.92 14.76 13.38
N THR A 290 -19.97 14.24 12.74
CA THR A 290 -20.66 14.93 11.65
C THR A 290 -22.15 14.81 11.85
N THR A 291 -22.89 15.57 11.05
CA THR A 291 -24.35 15.52 11.03
C THR A 291 -24.89 14.50 10.06
N LEU A 292 -24.04 13.65 9.47
CA LEU A 292 -24.52 12.63 8.54
C LEU A 292 -25.29 11.55 9.26
N THR A 293 -26.31 11.03 8.59
CA THR A 293 -27.00 9.80 9.02
C THR A 293 -26.59 8.69 8.08
N ILE A 294 -26.04 7.62 8.64
CA ILE A 294 -25.56 6.50 7.85
C ILE A 294 -26.60 5.40 7.96
N ARG A 295 -27.30 5.16 6.86
CA ARG A 295 -28.17 4.01 6.79
C ARG A 295 -27.29 2.77 6.55
N ARG A 296 -27.90 1.60 6.45
CA ARG A 296 -27.16 0.38 6.18
C ARG A 296 -26.21 0.60 4.99
N PRO A 297 -24.90 0.42 5.17
CA PRO A 297 -23.98 0.66 4.06
C PRO A 297 -24.31 -0.22 2.86
N GLU A 298 -24.14 0.37 1.67
N GLU A 298 -24.14 0.34 1.66
CA GLU A 298 -24.38 -0.29 0.39
CA GLU A 298 -24.46 -0.40 0.44
C GLU A 298 -23.43 -1.45 0.17
C GLU A 298 -23.39 -1.41 0.07
N HIS A 299 -22.22 -1.34 0.68
CA HIS A 299 -21.16 -2.32 0.44
C HIS A 299 -20.18 -2.19 1.59
N THR A 300 -19.76 -3.33 2.13
CA THR A 300 -18.75 -3.40 3.18
C THR A 300 -17.70 -4.41 2.78
N TRP A 301 -16.47 -4.20 3.25
CA TRP A 301 -15.39 -5.15 2.98
C TRP A 301 -14.30 -4.92 4.01
N ALA A 302 -13.32 -5.82 3.98
CA ALA A 302 -12.11 -5.65 4.78
C ALA A 302 -10.91 -6.15 3.99
N GLY A 303 -9.73 -5.64 4.33
CA GLY A 303 -8.49 -6.13 3.78
C GLY A 303 -7.41 -6.16 4.85
N LEU A 304 -6.24 -6.67 4.46
CA LEU A 304 -5.12 -6.84 5.37
C LEU A 304 -4.02 -5.81 5.11
N ARG A 305 -3.61 -5.13 6.18
CA ARG A 305 -2.45 -4.25 6.17
C ARG A 305 -1.41 -4.93 7.04
N SER A 306 -0.27 -5.30 6.45
CA SER A 306 0.67 -6.21 7.12
C SER A 306 1.97 -5.51 7.45
N PHE A 307 2.40 -5.62 8.72
CA PHE A 307 3.49 -4.81 9.25
C PHE A 307 4.55 -5.68 9.92
N VAL A 308 5.80 -5.20 9.89
CA VAL A 308 6.84 -5.70 10.78
C VAL A 308 6.96 -4.75 11.96
N ALA A 309 7.87 -5.07 12.88
N ALA A 309 7.84 -5.08 12.90
CA ALA A 309 7.88 -4.48 14.21
CA ALA A 309 7.82 -4.43 14.21
C ALA A 309 8.17 -2.98 14.22
C ALA A 309 7.98 -2.91 14.10
N ASP A 310 8.84 -2.45 13.22
CA ASP A 310 9.17 -1.03 13.18
C ASP A 310 8.25 -0.21 12.26
N GLY A 311 7.26 -0.84 11.63
CA GLY A 311 6.34 -0.13 10.77
C GLY A 311 6.87 0.24 9.40
N ASP A 312 8.12 -0.12 9.08
CA ASP A 312 8.75 0.22 7.82
C ASP A 312 8.61 -0.94 6.83
N LEU A 313 8.71 -0.62 5.54
CA LEU A 313 8.66 -1.64 4.50
C LEU A 313 9.98 -2.41 4.45
N VAL A 314 9.96 -3.55 3.76
CA VAL A 314 11.13 -4.42 3.64
C VAL A 314 11.36 -4.72 2.16
N ALA A 315 12.57 -4.43 1.69
CA ALA A 315 13.02 -4.84 0.36
C ALA A 315 14.49 -5.22 0.50
N GLY A 316 14.79 -6.50 0.45
CA GLY A 316 16.18 -6.93 0.50
C GLY A 316 16.30 -8.44 0.52
N TYR A 317 17.51 -8.90 0.18
CA TYR A 317 17.80 -10.32 0.25
C TYR A 317 17.84 -10.78 1.70
N ALA A 318 17.30 -11.97 1.93
CA ALA A 318 17.44 -12.63 3.23
C ALA A 318 18.91 -12.96 3.49
N ALA A 319 19.37 -12.72 4.72
N ALA A 319 19.38 -12.61 4.69
CA ALA A 319 20.70 -13.17 5.10
CA ALA A 319 20.82 -12.59 4.95
C ALA A 319 20.76 -14.70 5.06
C ALA A 319 21.43 -13.98 4.83
N ASN A 320 21.86 -15.23 4.53
N ASN A 320 20.65 -15.04 5.07
CA ASN A 320 22.15 -16.66 4.52
CA ASN A 320 21.20 -16.38 5.13
C ASN A 320 21.10 -17.49 3.77
C ASN A 320 20.44 -17.31 4.18
N ALA A 321 20.25 -16.86 2.93
CA ALA A 321 19.39 -17.58 2.00
C ALA A 321 19.56 -16.98 0.61
N GLU A 322 20.58 -17.43 -0.11
CA GLU A 322 20.96 -16.81 -1.37
C GLU A 322 19.78 -16.77 -2.35
N GLY A 323 19.57 -15.61 -2.96
CA GLY A 323 18.58 -15.45 -3.99
C GLY A 323 17.15 -15.27 -3.51
N PHE A 324 16.90 -15.25 -2.19
CA PHE A 324 15.55 -15.10 -1.65
C PHE A 324 15.37 -13.63 -1.28
N PHE A 325 14.48 -12.94 -1.99
CA PHE A 325 14.37 -11.49 -1.86
C PHE A 325 12.98 -11.12 -1.32
N TRP A 326 12.96 -10.43 -0.19
CA TRP A 326 11.70 -10.00 0.41
C TRP A 326 11.21 -8.70 -0.21
N VAL A 327 9.92 -8.63 -0.54
CA VAL A 327 9.25 -7.38 -0.88
C VAL A 327 7.98 -7.35 -0.03
N ALA A 328 8.08 -6.83 1.18
CA ALA A 328 7.15 -7.19 2.24
C ALA A 328 6.86 -6.00 3.15
N ALA A 329 5.86 -6.18 4.01
CA ALA A 329 5.56 -5.23 5.09
C ALA A 329 5.07 -3.89 4.55
N GLN A 330 4.25 -3.96 3.48
CA GLN A 330 3.69 -2.78 2.85
C GLN A 330 2.76 -2.02 3.79
N GLY A 331 2.26 -2.67 4.84
CA GLY A 331 1.47 -1.96 5.83
C GLY A 331 0.28 -1.29 5.20
N GLY A 332 0.03 -0.05 5.62
CA GLY A 332 -1.07 0.70 5.07
C GLY A 332 -0.69 1.59 3.91
N TYR A 333 0.40 1.24 3.21
CA TYR A 333 1.05 2.19 2.31
C TYR A 333 1.46 1.56 0.98
N GLY A 334 1.00 0.35 0.67
CA GLY A 334 1.55 -0.36 -0.46
C GLY A 334 1.26 0.28 -1.81
N ILE A 335 0.10 0.93 -1.95
N ILE A 335 0.13 0.96 -1.94
CA ILE A 335 -0.20 1.56 -3.23
CA ILE A 335 -0.21 1.56 -3.23
C ILE A 335 0.65 2.81 -3.40
C ILE A 335 0.56 2.85 -3.43
N GLN A 336 0.60 3.70 -2.40
CA GLN A 336 1.25 5.01 -2.51
C GLN A 336 2.78 4.93 -2.52
N THR A 337 3.37 3.82 -2.08
CA THR A 337 4.82 3.65 -2.14
C THR A 337 5.26 2.79 -3.32
N SER A 338 4.33 2.32 -4.16
CA SER A 338 4.65 1.21 -5.05
C SER A 338 5.66 1.58 -6.14
N ALA A 339 5.65 2.81 -6.63
CA ALA A 339 6.61 3.14 -7.68
C ALA A 339 8.03 3.14 -7.15
N ALA A 340 8.24 3.75 -5.98
CA ALA A 340 9.59 3.76 -5.40
C ALA A 340 9.99 2.36 -4.94
N MET A 341 9.06 1.62 -4.33
CA MET A 341 9.38 0.27 -3.91
C MET A 341 9.71 -0.62 -5.08
N GLY A 342 8.94 -0.52 -6.17
CA GLY A 342 9.21 -1.36 -7.33
C GLY A 342 10.57 -1.06 -7.93
N GLU A 343 10.89 0.23 -8.08
CA GLU A 343 12.16 0.62 -8.64
C GLU A 343 13.32 0.26 -7.71
N ALA A 344 13.17 0.52 -6.41
CA ALA A 344 14.22 0.21 -5.46
C ALA A 344 14.45 -1.29 -5.36
N SER A 345 13.38 -2.06 -5.23
N SER A 345 13.37 -2.06 -5.23
CA SER A 345 13.54 -3.50 -5.09
CA SER A 345 13.51 -3.51 -5.11
C SER A 345 14.17 -4.10 -6.33
C SER A 345 14.19 -4.09 -6.34
N ALA A 346 13.78 -3.65 -7.52
CA ALA A 346 14.38 -4.17 -8.74
C ALA A 346 15.88 -3.86 -8.79
N ALA A 347 16.28 -2.65 -8.38
CA ALA A 347 17.70 -2.33 -8.36
C ALA A 347 18.45 -3.23 -7.38
N LEU A 348 17.90 -3.41 -6.17
CA LEU A 348 18.56 -4.22 -5.16
C LEU A 348 18.62 -5.70 -5.57
N ILE A 349 17.55 -6.21 -6.18
CA ILE A 349 17.55 -7.57 -6.69
C ILE A 349 18.70 -7.76 -7.66
N ARG A 350 18.93 -6.76 -8.50
CA ARG A 350 19.96 -6.82 -9.52
C ARG A 350 21.34 -6.45 -8.99
N HIS A 351 21.46 -6.17 -7.68
N HIS A 351 21.46 -6.19 -7.68
CA HIS A 351 22.73 -5.81 -7.05
CA HIS A 351 22.72 -5.80 -7.04
C HIS A 351 23.27 -4.47 -7.56
C HIS A 351 23.28 -4.49 -7.58
N GLN A 352 22.39 -3.58 -7.98
CA GLN A 352 22.75 -2.26 -8.44
C GLN A 352 22.42 -1.22 -7.38
N PRO A 353 23.08 -0.07 -7.39
CA PRO A 353 22.73 0.99 -6.44
C PRO A 353 21.34 1.52 -6.69
N LEU A 354 20.75 2.10 -5.65
CA LEU A 354 19.46 2.74 -5.81
C LEU A 354 19.60 3.94 -6.75
N PRO A 355 18.66 4.13 -7.67
CA PRO A 355 18.75 5.27 -8.59
C PRO A 355 18.81 6.59 -7.84
N ALA A 356 19.40 7.59 -8.50
CA ALA A 356 19.67 8.87 -7.84
C ALA A 356 18.41 9.50 -7.26
N HIS A 357 17.31 9.49 -8.02
N HIS A 357 17.31 9.50 -8.03
CA HIS A 357 16.10 10.16 -7.56
CA HIS A 357 16.08 10.14 -7.56
C HIS A 357 15.53 9.54 -6.29
C HIS A 357 15.62 9.56 -6.24
N LEU A 358 15.81 8.25 -6.04
CA LEU A 358 15.42 7.63 -4.78
C LEU A 358 16.36 8.04 -3.64
N ARG A 359 17.68 8.02 -3.88
CA ARG A 359 18.62 8.41 -2.83
C ARG A 359 18.44 9.87 -2.42
N GLU A 360 18.09 10.73 -3.37
CA GLU A 360 17.86 12.15 -3.06
C GLU A 360 16.69 12.33 -2.12
N HIS A 361 15.71 11.42 -2.17
CA HIS A 361 14.61 11.46 -1.22
C HIS A 361 14.98 10.83 0.11
N GLY A 362 16.25 10.47 0.29
CA GLY A 362 16.73 10.01 1.57
C GLY A 362 16.52 8.55 1.86
N LEU A 363 16.44 7.72 0.82
N LEU A 363 16.45 7.69 0.84
CA LEU A 363 16.34 6.27 0.96
CA LEU A 363 16.28 6.26 1.06
C LEU A 363 17.72 5.67 0.83
C LEU A 363 17.54 5.50 0.70
N ASP A 364 17.98 4.63 1.61
CA ASP A 364 19.20 3.83 1.44
C ASP A 364 18.86 2.35 1.56
N GLU A 365 19.84 1.52 1.18
N GLU A 365 19.89 1.52 1.31
CA GLU A 365 19.60 0.08 1.16
CA GLU A 365 19.71 0.08 1.34
C GLU A 365 19.33 -0.44 2.56
C GLU A 365 19.39 -0.42 2.75
N ALA A 366 20.02 0.11 3.56
N ALA A 366 20.12 0.08 3.76
CA ALA A 366 19.99 -0.46 4.90
CA ALA A 366 20.01 -0.50 5.10
C ALA A 366 18.60 -0.35 5.53
C ALA A 366 18.63 -0.29 5.72
N MET A 367 17.96 0.82 5.41
CA MET A 367 16.67 0.98 6.04
CA MET A 367 16.65 1.01 6.00
C MET A 367 15.56 0.22 5.31
N LEU A 368 15.83 -0.34 4.13
CA LEU A 368 14.92 -1.29 3.50
C LEU A 368 15.24 -2.73 3.88
N SER A 369 16.41 -2.99 4.42
CA SER A 369 16.87 -4.37 4.52
C SER A 369 16.13 -5.14 5.62
N PRO A 370 15.86 -6.43 5.40
CA PRO A 370 15.31 -7.28 6.47
C PRO A 370 16.30 -7.52 7.60
N ARG A 371 17.59 -7.31 7.37
CA ARG A 371 18.60 -7.59 8.37
C ARG A 371 18.46 -6.69 9.59
N ARG A 372 17.76 -5.57 9.45
CA ARG A 372 17.59 -4.66 10.57
C ARG A 372 16.67 -5.22 11.64
N LEU A 373 15.92 -6.28 11.35
CA LEU A 373 14.78 -6.66 12.19
C LEU A 373 15.17 -7.50 13.41
N SER A 374 15.57 -8.77 13.20
CA SER A 374 15.51 -9.64 14.35
C SER A 374 16.88 -9.84 14.99
N PRO A 375 16.93 -10.10 16.31
CA PRO A 375 18.21 -10.39 16.98
C PRO A 375 18.65 -11.84 16.78
#